data_6MW2
# 
_entry.id   6MW2 
# 
_audit_conform.dict_name       mmcif_pdbx.dic 
_audit_conform.dict_version    5.397 
_audit_conform.dict_location   http://mmcif.pdb.org/dictionaries/ascii/mmcif_pdbx.dic 
# 
loop_
_database_2.database_id 
_database_2.database_code 
_database_2.pdbx_database_accession 
_database_2.pdbx_DOI 
PDB   6MW2         pdb_00006mw2 10.2210/pdb6mw2/pdb 
WWPDB D_1000237719 ?            ?                   
# 
loop_
_pdbx_audit_revision_history.ordinal 
_pdbx_audit_revision_history.data_content_type 
_pdbx_audit_revision_history.major_revision 
_pdbx_audit_revision_history.minor_revision 
_pdbx_audit_revision_history.revision_date 
1 'Structure model' 1 0 2019-09-11 
2 'Structure model' 1 1 2019-10-02 
3 'Structure model' 1 2 2024-10-23 
# 
_pdbx_audit_revision_details.ordinal             1 
_pdbx_audit_revision_details.revision_ordinal    1 
_pdbx_audit_revision_details.data_content_type   'Structure model' 
_pdbx_audit_revision_details.provider            repository 
_pdbx_audit_revision_details.type                'Initial release' 
_pdbx_audit_revision_details.description         ? 
_pdbx_audit_revision_details.details             ? 
# 
loop_
_pdbx_audit_revision_group.ordinal 
_pdbx_audit_revision_group.revision_ordinal 
_pdbx_audit_revision_group.data_content_type 
_pdbx_audit_revision_group.group 
1 2 'Structure model' 'Data collection'      
2 2 'Structure model' 'Structure summary'    
3 3 'Structure model' 'Data collection'      
4 3 'Structure model' 'Database references'  
5 3 'Structure model' 'Derived calculations' 
6 3 'Structure model' 'Structure summary'    
# 
loop_
_pdbx_audit_revision_category.ordinal 
_pdbx_audit_revision_category.revision_ordinal 
_pdbx_audit_revision_category.data_content_type 
_pdbx_audit_revision_category.category 
1 2 'Structure model' pdbx_molecule_features    
2 3 'Structure model' chem_comp_atom            
3 3 'Structure model' chem_comp_bond            
4 3 'Structure model' database_2                
5 3 'Structure model' pdbx_entry_details        
6 3 'Structure model' pdbx_modification_feature 
7 3 'Structure model' struct_conn               
# 
loop_
_pdbx_audit_revision_item.ordinal 
_pdbx_audit_revision_item.revision_ordinal 
_pdbx_audit_revision_item.data_content_type 
_pdbx_audit_revision_item.item 
1 3 'Structure model' '_database_2.pdbx_DOI'                
2 3 'Structure model' '_database_2.pdbx_database_accession' 
3 3 'Structure model' '_struct_conn.pdbx_dist_value'        
4 3 'Structure model' '_struct_conn.ptnr1_label_atom_id'    
5 3 'Structure model' '_struct_conn.ptnr2_auth_comp_id'     
6 3 'Structure model' '_struct_conn.ptnr2_auth_seq_id'      
7 3 'Structure model' '_struct_conn.ptnr2_label_atom_id'    
8 3 'Structure model' '_struct_conn.ptnr2_label_comp_id'    
9 3 'Structure model' '_struct_conn.ptnr2_label_seq_id'     
# 
_pdbx_database_status.status_code                     REL 
_pdbx_database_status.status_code_sf                  REL 
_pdbx_database_status.status_code_mr                  ? 
_pdbx_database_status.entry_id                        6MW2 
_pdbx_database_status.recvd_initial_deposition_date   2018-10-29 
_pdbx_database_status.SG_entry                        N 
_pdbx_database_status.deposit_site                    RCSB 
_pdbx_database_status.process_site                    RCSB 
_pdbx_database_status.status_code_cs                  ? 
_pdbx_database_status.methods_development_category    ? 
_pdbx_database_status.pdb_format_compatible           Y 
_pdbx_database_status.status_code_nmr_data            ? 
# 
loop_
_pdbx_database_related.db_name 
_pdbx_database_related.details 
_pdbx_database_related.db_id 
_pdbx_database_related.content_type 
PDB 'linear tetrapetide of pseudoxylallemycin A'          6MVZ unspecified 
PDB 'linear tetrapeptide related to pseudoxylallemycin A' 6MW0 unspecified 
PDB 'pseudoxylallemycin A'                                6MW1 unspecified 
# 
loop_
_audit_author.name 
_audit_author.pdbx_ordinal 
_audit_author.identifier_ORCID 
'Cameron, A.J.'  1 0000-0003-0680-6921 
'Harris, P.W.R.' 2 0000-0002-2579-4543 
'Brimble, M.A.'  3 0000-0002-7086-4096 
'Squire, C.J.'   4 0000-0001-9212-0461 
# 
_citation.abstract                  ? 
_citation.abstract_id_CAS           ? 
_citation.book_id_ISBN              ? 
_citation.book_publisher            ? 
_citation.book_publisher_city       ? 
_citation.book_title                ? 
_citation.coordinate_linkage        ? 
_citation.country                   UK 
_citation.database_id_Medline       ? 
_citation.details                   ? 
_citation.id                        primary 
_citation.journal_abbrev            Org.Biomol.Chem. 
_citation.journal_id_ASTM           ? 
_citation.journal_id_CSD            ? 
_citation.journal_id_ISSN           1477-0539 
_citation.journal_full              ? 
_citation.journal_issue             ? 
_citation.journal_volume            17 
_citation.language                  ? 
_citation.page_first                3902 
_citation.page_last                 3913 
_citation.title                     
'Investigations of the key macrolactamisation step in the synthesis of cyclic tetrapeptide pseudoxylallemycin A.' 
_citation.year                      2019 
_citation.database_id_CSD           ? 
_citation.pdbx_database_id_DOI      10.1039/c9ob00227h 
_citation.pdbx_database_id_PubMed   30941386 
_citation.unpublished_flag          ? 
# 
loop_
_citation_author.citation_id 
_citation_author.name 
_citation_author.ordinal 
_citation_author.identifier_ORCID 
primary 'Cameron, A.J.'  1 ? 
primary 'Squire, C.J.'   2 ? 
primary 'Gerenton, A.'   3 ? 
primary 'Stubbing, L.A.' 4 ? 
primary 'Harris, P.W.R.' 5 ? 
primary 'Brimble, M.A.'  6 ? 
# 
_entity.id                         1 
_entity.type                       polymer 
_entity.src_method                 syn 
_entity.pdbx_description           'pseudoxylallemycin A' 
_entity.formula_weight             566.730 
_entity.pdbx_number_of_molecules   1 
_entity.pdbx_ec                    ? 
_entity.pdbx_mutation              ? 
_entity.pdbx_fragment              ? 
_entity.details                    ? 
# 
_entity_poly.entity_id                      1 
_entity_poly.type                           'polypeptide(L)' 
_entity_poly.nstd_linkage                   no 
_entity_poly.nstd_monomer                   yes 
_entity_poly.pdbx_seq_one_letter_code       '(MLE)F(MLE)(DPN)' 
_entity_poly.pdbx_seq_one_letter_code_can   LFLF 
_entity_poly.pdbx_strand_id                 A 
_entity_poly.pdbx_target_identifier         ? 
# 
loop_
_entity_poly_seq.entity_id 
_entity_poly_seq.num 
_entity_poly_seq.mon_id 
_entity_poly_seq.hetero 
1 1 MLE n 
1 2 PHE n 
1 3 MLE n 
1 4 DPN n 
# 
_pdbx_entity_src_syn.entity_id              1 
_pdbx_entity_src_syn.pdbx_src_id            1 
_pdbx_entity_src_syn.pdbx_alt_source_flag   sample 
_pdbx_entity_src_syn.pdbx_beg_seq_num       1 
_pdbx_entity_src_syn.pdbx_end_seq_num       4 
_pdbx_entity_src_syn.organism_scientific    Xylaria 
_pdbx_entity_src_syn.organism_common_name   ? 
_pdbx_entity_src_syn.ncbi_taxonomy_id       37991 
_pdbx_entity_src_syn.details                ? 
# 
loop_
_chem_comp.id 
_chem_comp.type 
_chem_comp.mon_nstd_flag 
_chem_comp.name 
_chem_comp.pdbx_synonyms 
_chem_comp.formula 
_chem_comp.formula_weight 
DPN 'D-peptide linking' . D-PHENYLALANINE ? 'C9 H11 N O2' 165.189 
MLE 'L-peptide linking' n N-METHYLLEUCINE ? 'C7 H15 N O2' 145.199 
PHE 'L-peptide linking' y PHENYLALANINE   ? 'C9 H11 N O2' 165.189 
# 
loop_
_pdbx_poly_seq_scheme.asym_id 
_pdbx_poly_seq_scheme.entity_id 
_pdbx_poly_seq_scheme.seq_id 
_pdbx_poly_seq_scheme.mon_id 
_pdbx_poly_seq_scheme.ndb_seq_num 
_pdbx_poly_seq_scheme.pdb_seq_num 
_pdbx_poly_seq_scheme.auth_seq_num 
_pdbx_poly_seq_scheme.pdb_mon_id 
_pdbx_poly_seq_scheme.auth_mon_id 
_pdbx_poly_seq_scheme.pdb_strand_id 
_pdbx_poly_seq_scheme.pdb_ins_code 
_pdbx_poly_seq_scheme.hetero 
A 1 1 MLE 1 1001 1001 MLE MLE A . n 
A 1 2 PHE 2 1002 1002 PHE PHE A . n 
A 1 3 MLE 3 1003 1003 MLE MLE A . n 
A 1 4 DPN 4 1004 1004 DPN DPN A . n 
# 
loop_
_software.citation_id 
_software.classification 
_software.compiler_name 
_software.compiler_version 
_software.contact_author 
_software.contact_author_email 
_software.date 
_software.description 
_software.dependencies 
_software.hardware 
_software.language 
_software.location 
_software.mods 
_software.name 
_software.os 
_software.os_version 
_software.type 
_software.version 
_software.pdbx_ordinal 
? refinement       ? ? ? ? ? ? ? ? ? ? ? SHELXL  ? ? ? . 1 
? 'data reduction' ? ? ? ? ? ? ? ? ? ? ? XDS     ? ? ? . 2 
? 'data scaling'   ? ? ? ? ? ? ? ? ? ? ? Aimless ? ? ? . 3 
? phasing          ? ? ? ? ? ? ? ? ? ? ? SHELXS  ? ? ? . 4 
# 
_cell.angle_alpha                  90.00 
_cell.angle_alpha_esd              ? 
_cell.angle_beta                   90.00 
_cell.angle_beta_esd               ? 
_cell.angle_gamma                  90.00 
_cell.angle_gamma_esd              ? 
_cell.entry_id                     6MW2 
_cell.details                      ? 
_cell.formula_units_Z              ? 
_cell.length_a                     10.928 
_cell.length_a_esd                 ? 
_cell.length_b                     13.552 
_cell.length_b_esd                 ? 
_cell.length_c                     20.488 
_cell.length_c_esd                 ? 
_cell.volume                       ? 
_cell.volume_esd                   ? 
_cell.Z_PDB                        4 
_cell.reciprocal_angle_alpha       ? 
_cell.reciprocal_angle_beta        ? 
_cell.reciprocal_angle_gamma       ? 
_cell.reciprocal_angle_alpha_esd   ? 
_cell.reciprocal_angle_beta_esd    ? 
_cell.reciprocal_angle_gamma_esd   ? 
_cell.reciprocal_length_a          ? 
_cell.reciprocal_length_b          ? 
_cell.reciprocal_length_c          ? 
_cell.reciprocal_length_a_esd      ? 
_cell.reciprocal_length_b_esd      ? 
_cell.reciprocal_length_c_esd      ? 
_cell.pdbx_unique_axis             ? 
# 
_symmetry.entry_id                         6MW2 
_symmetry.cell_setting                     ? 
_symmetry.Int_Tables_number                19 
_symmetry.space_group_name_Hall            ? 
_symmetry.space_group_name_H-M             'P 21 21 21' 
_symmetry.pdbx_full_space_group_name_H-M   ? 
# 
_exptl.absorpt_coefficient_mu     ? 
_exptl.absorpt_correction_T_max   ? 
_exptl.absorpt_correction_T_min   ? 
_exptl.absorpt_correction_type    ? 
_exptl.absorpt_process_details    ? 
_exptl.entry_id                   6MW2 
_exptl.crystals_number            1 
_exptl.details                    ? 
_exptl.method                     'X-RAY DIFFRACTION' 
_exptl.method_details             ? 
# 
_exptl_crystal.colour                      ? 
_exptl_crystal.density_diffrn              ? 
_exptl_crystal.density_Matthews            1.34 
_exptl_crystal.density_method              ? 
_exptl_crystal.density_percent_sol         8.10 
_exptl_crystal.description                 ? 
_exptl_crystal.F_000                       ? 
_exptl_crystal.id                          1 
_exptl_crystal.preparation                 ? 
_exptl_crystal.size_max                    ? 
_exptl_crystal.size_mid                    ? 
_exptl_crystal.size_min                    ? 
_exptl_crystal.size_rad                    ? 
_exptl_crystal.colour_lustre               ? 
_exptl_crystal.colour_modifier             ? 
_exptl_crystal.colour_primary              ? 
_exptl_crystal.density_meas                ? 
_exptl_crystal.density_meas_esd            ? 
_exptl_crystal.density_meas_gt             ? 
_exptl_crystal.density_meas_lt             ? 
_exptl_crystal.density_meas_temp           ? 
_exptl_crystal.density_meas_temp_esd       ? 
_exptl_crystal.density_meas_temp_gt        ? 
_exptl_crystal.density_meas_temp_lt        ? 
_exptl_crystal.pdbx_crystal_image_url      ? 
_exptl_crystal.pdbx_crystal_image_format   ? 
_exptl_crystal.pdbx_mosaicity              ? 
_exptl_crystal.pdbx_mosaicity_esd          ? 
# 
_exptl_crystal_grow.apparatus       ? 
_exptl_crystal_grow.atmosphere      ? 
_exptl_crystal_grow.crystal_id      1 
_exptl_crystal_grow.details         ? 
_exptl_crystal_grow.method          EVAPORATION 
_exptl_crystal_grow.method_ref      ? 
_exptl_crystal_grow.pH              ? 
_exptl_crystal_grow.pressure        ? 
_exptl_crystal_grow.pressure_esd    ? 
_exptl_crystal_grow.seeding         ? 
_exptl_crystal_grow.seeding_ref     ? 
_exptl_crystal_grow.temp            293 
_exptl_crystal_grow.temp_details    ? 
_exptl_crystal_grow.temp_esd        ? 
_exptl_crystal_grow.time            ? 
_exptl_crystal_grow.pdbx_details    'methanol, ethanol, tetrahydrofuran, water' 
_exptl_crystal_grow.pdbx_pH_range   ? 
# 
_diffrn.ambient_environment              ? 
_diffrn.ambient_temp                     100 
_diffrn.ambient_temp_details             ? 
_diffrn.ambient_temp_esd                 ? 
_diffrn.crystal_id                       1 
_diffrn.crystal_support                  ? 
_diffrn.crystal_treatment                ? 
_diffrn.details                          ? 
_diffrn.id                               1 
_diffrn.ambient_pressure                 ? 
_diffrn.ambient_pressure_esd             ? 
_diffrn.ambient_pressure_gt              ? 
_diffrn.ambient_pressure_lt              ? 
_diffrn.ambient_temp_gt                  ? 
_diffrn.ambient_temp_lt                  ? 
_diffrn.pdbx_serial_crystal_experiment   N 
# 
_diffrn_detector.details                      ? 
_diffrn_detector.detector                     PIXEL 
_diffrn_detector.diffrn_id                    1 
_diffrn_detector.type                         'DECTRIS EIGER X 16M' 
_diffrn_detector.area_resol_mean              ? 
_diffrn_detector.dtime                        ? 
_diffrn_detector.pdbx_frames_total            ? 
_diffrn_detector.pdbx_collection_time_total   ? 
_diffrn_detector.pdbx_collection_date         2018-07-13 
_diffrn_detector.pdbx_frequency               ? 
# 
_diffrn_radiation.collimation                      ? 
_diffrn_radiation.diffrn_id                        1 
_diffrn_radiation.filter_edge                      ? 
_diffrn_radiation.inhomogeneity                    ? 
_diffrn_radiation.monochromator                    ? 
_diffrn_radiation.polarisn_norm                    ? 
_diffrn_radiation.polarisn_ratio                   ? 
_diffrn_radiation.probe                            ? 
_diffrn_radiation.type                             ? 
_diffrn_radiation.xray_symbol                      ? 
_diffrn_radiation.wavelength_id                    1 
_diffrn_radiation.pdbx_monochromatic_or_laue_m_l   M 
_diffrn_radiation.pdbx_wavelength_list             ? 
_diffrn_radiation.pdbx_wavelength                  ? 
_diffrn_radiation.pdbx_diffrn_protocol             'SINGLE WAVELENGTH' 
_diffrn_radiation.pdbx_analyzer                    ? 
_diffrn_radiation.pdbx_scattering_type             x-ray 
# 
_diffrn_radiation_wavelength.id           1 
_diffrn_radiation_wavelength.wavelength   0.71075 
_diffrn_radiation_wavelength.wt           1.0 
# 
_diffrn_source.current                     ? 
_diffrn_source.details                     ? 
_diffrn_source.diffrn_id                   1 
_diffrn_source.power                       ? 
_diffrn_source.size                        ? 
_diffrn_source.source                      SYNCHROTRON 
_diffrn_source.target                      ? 
_diffrn_source.type                        'AUSTRALIAN SYNCHROTRON BEAMLINE MX2' 
_diffrn_source.voltage                     ? 
_diffrn_source.take-off_angle              ? 
_diffrn_source.pdbx_wavelength_list        0.71075 
_diffrn_source.pdbx_wavelength             ? 
_diffrn_source.pdbx_synchrotron_beamline   MX2 
_diffrn_source.pdbx_synchrotron_site       'Australian Synchrotron' 
# 
_reflns.B_iso_Wilson_estimate            ? 
_reflns.entry_id                         6MW2 
_reflns.data_reduction_details           ? 
_reflns.data_reduction_method            ? 
_reflns.d_resolution_high                0.77 
_reflns.d_resolution_low                 20.49 
_reflns.details                          ? 
_reflns.limit_h_max                      ? 
_reflns.limit_h_min                      ? 
_reflns.limit_k_max                      ? 
_reflns.limit_k_min                      ? 
_reflns.limit_l_max                      ? 
_reflns.limit_l_min                      ? 
_reflns.number_all                       ? 
_reflns.number_obs                       3920 
_reflns.observed_criterion               ? 
_reflns.observed_criterion_F_max         ? 
_reflns.observed_criterion_F_min         ? 
_reflns.observed_criterion_I_max         ? 
_reflns.observed_criterion_I_min         ? 
_reflns.observed_criterion_sigma_F       ? 
_reflns.observed_criterion_sigma_I       ? 
_reflns.percent_possible_obs             99.5 
_reflns.R_free_details                   ? 
_reflns.Rmerge_F_all                     ? 
_reflns.Rmerge_F_obs                     ? 
_reflns.Friedel_coverage                 ? 
_reflns.number_gt                        ? 
_reflns.threshold_expression             ? 
_reflns.pdbx_redundancy                  11.4 
_reflns.pdbx_Rmerge_I_obs                0.042 
_reflns.pdbx_Rmerge_I_all                ? 
_reflns.pdbx_Rsym_value                  ? 
_reflns.pdbx_netI_over_av_sigmaI         ? 
_reflns.pdbx_netI_over_sigmaI            32.1 
_reflns.pdbx_res_netI_over_av_sigmaI_2   ? 
_reflns.pdbx_res_netI_over_sigmaI_2      ? 
_reflns.pdbx_chi_squared                 ? 
_reflns.pdbx_scaling_rejects             ? 
_reflns.pdbx_d_res_high_opt              ? 
_reflns.pdbx_d_res_low_opt               ? 
_reflns.pdbx_d_res_opt_method            ? 
_reflns.phase_calculation_details        ? 
_reflns.pdbx_Rrim_I_all                  ? 
_reflns.pdbx_Rpim_I_all                  0.013 
_reflns.pdbx_d_opt                       ? 
_reflns.pdbx_number_measured_all         ? 
_reflns.pdbx_diffrn_id                   1 
_reflns.pdbx_ordinal                     1 
_reflns.pdbx_CC_half                     0.999 
_reflns.pdbx_R_split                     ? 
# 
_reflns_shell.d_res_high                  0.77 
_reflns_shell.d_res_low                   0.79 
_reflns_shell.meanI_over_sigI_all         ? 
_reflns_shell.meanI_over_sigI_obs         19.1 
_reflns_shell.number_measured_all         ? 
_reflns_shell.number_measured_obs         ? 
_reflns_shell.number_possible             ? 
_reflns_shell.number_unique_all           ? 
_reflns_shell.number_unique_obs           290 
_reflns_shell.percent_possible_all        95.1 
_reflns_shell.percent_possible_obs        ? 
_reflns_shell.Rmerge_F_all                ? 
_reflns_shell.Rmerge_F_obs                ? 
_reflns_shell.Rmerge_I_all                ? 
_reflns_shell.Rmerge_I_obs                0.093 
_reflns_shell.meanI_over_sigI_gt          ? 
_reflns_shell.meanI_over_uI_all           ? 
_reflns_shell.meanI_over_uI_gt            ? 
_reflns_shell.number_measured_gt          ? 
_reflns_shell.number_unique_gt            ? 
_reflns_shell.percent_possible_gt         ? 
_reflns_shell.Rmerge_F_gt                 ? 
_reflns_shell.Rmerge_I_gt                 ? 
_reflns_shell.pdbx_redundancy             9.5 
_reflns_shell.pdbx_Rsym_value             ? 
_reflns_shell.pdbx_chi_squared            ? 
_reflns_shell.pdbx_netI_over_sigmaI_all   ? 
_reflns_shell.pdbx_netI_over_sigmaI_obs   ? 
_reflns_shell.pdbx_Rrim_I_all             ? 
_reflns_shell.pdbx_Rpim_I_all             0.034 
_reflns_shell.pdbx_rejects                ? 
_reflns_shell.pdbx_ordinal                1 
_reflns_shell.pdbx_diffrn_id              1 
_reflns_shell.pdbx_CC_half                0.992 
_reflns_shell.pdbx_R_split                ? 
# 
_refine.aniso_B[1][1]                            ? 
_refine.aniso_B[1][2]                            ? 
_refine.aniso_B[1][3]                            ? 
_refine.aniso_B[2][2]                            ? 
_refine.aniso_B[2][3]                            ? 
_refine.aniso_B[3][3]                            ? 
_refine.B_iso_max                                ? 
_refine.B_iso_mean                               ? 
_refine.B_iso_min                                ? 
_refine.correlation_coeff_Fo_to_Fc               ? 
_refine.correlation_coeff_Fo_to_Fc_free          ? 
_refine.details                                  
'Full least squares refinement in SHELXL with anisotropic atomic displacement parameters and riding hydrogens.' 
_refine.diff_density_max                         ? 
_refine.diff_density_max_esd                     ? 
_refine.diff_density_min                         ? 
_refine.diff_density_min_esd                     ? 
_refine.diff_density_rms                         ? 
_refine.diff_density_rms_esd                     ? 
_refine.entry_id                                 6MW2 
_refine.pdbx_refine_id                           'X-RAY DIFFRACTION' 
_refine.ls_abs_structure_details                 ? 
_refine.ls_abs_structure_Flack                   ? 
_refine.ls_abs_structure_Flack_esd               ? 
_refine.ls_abs_structure_Rogers                  ? 
_refine.ls_abs_structure_Rogers_esd              ? 
_refine.ls_d_res_high                            0.77 
_refine.ls_d_res_low                             20.49 
_refine.ls_extinction_coef                       ? 
_refine.ls_extinction_coef_esd                   ? 
_refine.ls_extinction_expression                 ? 
_refine.ls_extinction_method                     ? 
_refine.ls_goodness_of_fit_all                   ? 
_refine.ls_goodness_of_fit_all_esd               ? 
_refine.ls_goodness_of_fit_obs                   ? 
_refine.ls_goodness_of_fit_obs_esd               ? 
_refine.ls_hydrogen_treatment                    ? 
_refine.ls_matrix_type                           ? 
_refine.ls_number_constraints                    ? 
_refine.ls_number_parameters                     ? 
_refine.ls_number_reflns_all                     ? 
_refine.ls_number_reflns_obs                     3920 
_refine.ls_number_reflns_R_free                  ? 
_refine.ls_number_reflns_R_work                  ? 
_refine.ls_number_restraints                     ? 
_refine.ls_percent_reflns_obs                    100 
_refine.ls_percent_reflns_R_free                 ? 
_refine.ls_R_factor_all                          ? 
_refine.ls_R_factor_obs                          ? 
_refine.ls_R_factor_R_free                       ? 
_refine.ls_R_factor_R_free_error                 ? 
_refine.ls_R_factor_R_free_error_details         ? 
_refine.ls_R_factor_R_work                       0.0424 
_refine.ls_R_Fsqd_factor_obs                     ? 
_refine.ls_R_I_factor_obs                        ? 
_refine.ls_redundancy_reflns_all                 ? 
_refine.ls_redundancy_reflns_obs                 ? 
_refine.ls_restrained_S_all                      ? 
_refine.ls_restrained_S_obs                      ? 
_refine.ls_shift_over_esd_max                    ? 
_refine.ls_shift_over_esd_mean                   ? 
_refine.ls_structure_factor_coef                 ? 
_refine.ls_weighting_details                     ? 
_refine.ls_weighting_scheme                      ? 
_refine.ls_wR_factor_all                         ? 
_refine.ls_wR_factor_obs                         ? 
_refine.ls_wR_factor_R_free                      ? 
_refine.ls_wR_factor_R_work                      ? 
_refine.occupancy_max                            ? 
_refine.occupancy_min                            ? 
_refine.solvent_model_details                    ? 
_refine.solvent_model_param_bsol                 ? 
_refine.solvent_model_param_ksol                 ? 
_refine.ls_R_factor_gt                           ? 
_refine.ls_goodness_of_fit_gt                    ? 
_refine.ls_goodness_of_fit_ref                   ? 
_refine.ls_shift_over_su_max                     ? 
_refine.ls_shift_over_su_max_lt                  ? 
_refine.ls_shift_over_su_mean                    ? 
_refine.ls_shift_over_su_mean_lt                 ? 
_refine.pdbx_ls_sigma_I                          ? 
_refine.pdbx_ls_sigma_F                          ? 
_refine.pdbx_ls_sigma_Fsqd                       ? 
_refine.pdbx_data_cutoff_high_absF               ? 
_refine.pdbx_data_cutoff_high_rms_absF           ? 
_refine.pdbx_data_cutoff_low_absF                ? 
_refine.pdbx_isotropic_thermal_model             ? 
_refine.pdbx_ls_cross_valid_method               NONE 
_refine.pdbx_method_to_determine_struct          'AB INITIO PHASING' 
_refine.pdbx_starting_model                      ? 
_refine.pdbx_stereochemistry_target_values       ? 
_refine.pdbx_R_Free_selection_details            ? 
_refine.pdbx_stereochem_target_val_spec_case     ? 
_refine.pdbx_overall_ESU_R                       ? 
_refine.pdbx_overall_ESU_R_Free                  ? 
_refine.pdbx_solvent_vdw_probe_radii             ? 
_refine.pdbx_solvent_ion_probe_radii             ? 
_refine.pdbx_solvent_shrinkage_radii             ? 
_refine.pdbx_real_space_R                        ? 
_refine.pdbx_density_correlation                 ? 
_refine.pdbx_pd_number_of_powder_patterns        ? 
_refine.pdbx_pd_number_of_points                 ? 
_refine.pdbx_pd_meas_number_of_points            ? 
_refine.pdbx_pd_proc_ls_prof_R_factor            ? 
_refine.pdbx_pd_proc_ls_prof_wR_factor           ? 
_refine.pdbx_pd_Marquardt_correlation_coeff      ? 
_refine.pdbx_pd_Fsqrd_R_factor                   ? 
_refine.pdbx_pd_ls_matrix_band_width             ? 
_refine.pdbx_overall_phase_error                 ? 
_refine.pdbx_overall_SU_R_free_Cruickshank_DPI   ? 
_refine.pdbx_overall_SU_R_free_Blow_DPI          ? 
_refine.pdbx_overall_SU_R_Blow_DPI               ? 
_refine.pdbx_TLS_residual_ADP_flag               ? 
_refine.pdbx_diffrn_id                           1 
_refine.overall_SU_B                             ? 
_refine.overall_SU_ML                            ? 
_refine.overall_SU_R_Cruickshank_DPI             ? 
_refine.overall_SU_R_free                        ? 
_refine.overall_FOM_free_R_set                   ? 
_refine.overall_FOM_work_R_set                   ? 
_refine.pdbx_average_fsc_overall                 ? 
_refine.pdbx_average_fsc_work                    ? 
_refine.pdbx_average_fsc_free                    ? 
# 
_refine_hist.pdbx_refine_id                   'X-RAY DIFFRACTION' 
_refine_hist.cycle_id                         LAST 
_refine_hist.pdbx_number_atoms_protein        40 
_refine_hist.pdbx_number_atoms_nucleic_acid   0 
_refine_hist.pdbx_number_atoms_ligand         0 
_refine_hist.number_atoms_solvent             0 
_refine_hist.number_atoms_total               40 
_refine_hist.d_res_high                       0.77 
_refine_hist.d_res_low                        20.49 
# 
_struct.entry_id                     6MW2 
_struct.title                        'cyclo-Mle-Phe-Mle-D-Phe. D-Phe analogue of pseudoxylallemycin A.' 
_struct.pdbx_model_details           ? 
_struct.pdbx_formula_weight          ? 
_struct.pdbx_formula_weight_method   ? 
_struct.pdbx_model_type_details      ? 
_struct.pdbx_CASP_flag               N 
# 
_struct_keywords.entry_id        6MW2 
_struct_keywords.text            'tetrapeptide, cyclic peptide, N-methyl leucine, analogue of pseudoxylallemycin A, ANTIBIOTIC' 
_struct_keywords.pdbx_keywords   ANTIBIOTIC 
# 
_struct_asym.id                            A 
_struct_asym.pdbx_blank_PDB_chainid_flag   N 
_struct_asym.pdbx_modified                 N 
_struct_asym.entity_id                     1 
_struct_asym.details                       ? 
# 
_struct_ref.id                         1 
_struct_ref.db_name                    PDB 
_struct_ref.db_code                    6MW2 
_struct_ref.pdbx_db_accession          6MW2 
_struct_ref.pdbx_db_isoform            ? 
_struct_ref.entity_id                  1 
_struct_ref.pdbx_seq_one_letter_code   ? 
_struct_ref.pdbx_align_begin           1 
# 
_struct_ref_seq.align_id                      1 
_struct_ref_seq.ref_id                        1 
_struct_ref_seq.pdbx_PDB_id_code              6MW2 
_struct_ref_seq.pdbx_strand_id                A 
_struct_ref_seq.seq_align_beg                 1 
_struct_ref_seq.pdbx_seq_align_beg_ins_code   ? 
_struct_ref_seq.seq_align_end                 4 
_struct_ref_seq.pdbx_seq_align_end_ins_code   ? 
_struct_ref_seq.pdbx_db_accession             6MW2 
_struct_ref_seq.db_align_beg                  1001 
_struct_ref_seq.pdbx_db_align_beg_ins_code    ? 
_struct_ref_seq.db_align_end                  1004 
_struct_ref_seq.pdbx_db_align_end_ins_code    ? 
_struct_ref_seq.pdbx_auth_seq_align_beg       1001 
_struct_ref_seq.pdbx_auth_seq_align_end       1004 
# 
_pdbx_struct_assembly.id                   1 
_pdbx_struct_assembly.details              author_and_software_defined_assembly 
_pdbx_struct_assembly.method_details       PISA 
_pdbx_struct_assembly.oligomeric_details   monomeric 
_pdbx_struct_assembly.oligomeric_count     1 
# 
loop_
_pdbx_struct_assembly_prop.biol_id 
_pdbx_struct_assembly_prop.type 
_pdbx_struct_assembly_prop.value 
_pdbx_struct_assembly_prop.details 
1 'ABSA (A^2)' 0   ? 
1 MORE         0   ? 
1 'SSA (A^2)'  750 ? 
# 
_pdbx_struct_assembly_gen.assembly_id       1 
_pdbx_struct_assembly_gen.oper_expression   1 
_pdbx_struct_assembly_gen.asym_id_list      A 
# 
_pdbx_struct_assembly_auth_evidence.id                     1 
_pdbx_struct_assembly_auth_evidence.assembly_id            1 
_pdbx_struct_assembly_auth_evidence.experimental_support   none 
_pdbx_struct_assembly_auth_evidence.details                ? 
# 
_pdbx_struct_oper_list.id                   1 
_pdbx_struct_oper_list.type                 'identity operation' 
_pdbx_struct_oper_list.name                 1_555 
_pdbx_struct_oper_list.symmetry_operation   x,y,z 
_pdbx_struct_oper_list.matrix[1][1]         1.0000000000 
_pdbx_struct_oper_list.matrix[1][2]         0.0000000000 
_pdbx_struct_oper_list.matrix[1][3]         0.0000000000 
_pdbx_struct_oper_list.vector[1]            0.0000000000 
_pdbx_struct_oper_list.matrix[2][1]         0.0000000000 
_pdbx_struct_oper_list.matrix[2][2]         1.0000000000 
_pdbx_struct_oper_list.matrix[2][3]         0.0000000000 
_pdbx_struct_oper_list.vector[2]            0.0000000000 
_pdbx_struct_oper_list.matrix[3][1]         0.0000000000 
_pdbx_struct_oper_list.matrix[3][2]         0.0000000000 
_pdbx_struct_oper_list.matrix[3][3]         1.0000000000 
_pdbx_struct_oper_list.vector[3]            0.0000000000 
# 
loop_
_struct_conn.id 
_struct_conn.conn_type_id 
_struct_conn.pdbx_leaving_atom_flag 
_struct_conn.pdbx_PDB_id 
_struct_conn.ptnr1_label_asym_id 
_struct_conn.ptnr1_label_comp_id 
_struct_conn.ptnr1_label_seq_id 
_struct_conn.ptnr1_label_atom_id 
_struct_conn.pdbx_ptnr1_label_alt_id 
_struct_conn.pdbx_ptnr1_PDB_ins_code 
_struct_conn.pdbx_ptnr1_standard_comp_id 
_struct_conn.ptnr1_symmetry 
_struct_conn.ptnr2_label_asym_id 
_struct_conn.ptnr2_label_comp_id 
_struct_conn.ptnr2_label_seq_id 
_struct_conn.ptnr2_label_atom_id 
_struct_conn.pdbx_ptnr2_label_alt_id 
_struct_conn.pdbx_ptnr2_PDB_ins_code 
_struct_conn.ptnr1_auth_asym_id 
_struct_conn.ptnr1_auth_comp_id 
_struct_conn.ptnr1_auth_seq_id 
_struct_conn.ptnr2_auth_asym_id 
_struct_conn.ptnr2_auth_comp_id 
_struct_conn.ptnr2_auth_seq_id 
_struct_conn.ptnr2_symmetry 
_struct_conn.pdbx_ptnr3_label_atom_id 
_struct_conn.pdbx_ptnr3_label_seq_id 
_struct_conn.pdbx_ptnr3_label_comp_id 
_struct_conn.pdbx_ptnr3_label_asym_id 
_struct_conn.pdbx_ptnr3_label_alt_id 
_struct_conn.pdbx_ptnr3_PDB_ins_code 
_struct_conn.details 
_struct_conn.pdbx_dist_value 
_struct_conn.pdbx_value_order 
_struct_conn.pdbx_role 
covale1 covale both ? A MLE 1 C ? ? ? 1_555 A PHE 2 N ? ? A MLE 1001 A PHE 1002 1_555 ? ? ? ? ? ? ? 1.360 ? ? 
covale2 covale both ? A MLE 1 N ? ? ? 1_555 A DPN 4 C ? ? A MLE 1001 A DPN 1004 1_555 ? ? ? ? ? ? ? 1.366 ? ? 
covale3 covale both ? A PHE 2 C ? ? ? 1_555 A MLE 3 N ? ? A PHE 1002 A MLE 1003 1_555 ? ? ? ? ? ? ? 1.364 ? ? 
covale4 covale both ? A MLE 3 C ? ? ? 1_555 A DPN 4 N ? ? A MLE 1003 A DPN 1004 1_555 ? ? ? ? ? ? ? 1.353 ? ? 
# 
_struct_conn_type.id          covale 
_struct_conn_type.criteria    ? 
_struct_conn_type.reference   ? 
# 
loop_
_pdbx_modification_feature.ordinal 
_pdbx_modification_feature.label_comp_id 
_pdbx_modification_feature.label_asym_id 
_pdbx_modification_feature.label_seq_id 
_pdbx_modification_feature.label_alt_id 
_pdbx_modification_feature.modified_residue_label_comp_id 
_pdbx_modification_feature.modified_residue_label_asym_id 
_pdbx_modification_feature.modified_residue_label_seq_id 
_pdbx_modification_feature.modified_residue_label_alt_id 
_pdbx_modification_feature.auth_comp_id 
_pdbx_modification_feature.auth_asym_id 
_pdbx_modification_feature.auth_seq_id 
_pdbx_modification_feature.PDB_ins_code 
_pdbx_modification_feature.symmetry 
_pdbx_modification_feature.modified_residue_auth_comp_id 
_pdbx_modification_feature.modified_residue_auth_asym_id 
_pdbx_modification_feature.modified_residue_auth_seq_id 
_pdbx_modification_feature.modified_residue_PDB_ins_code 
_pdbx_modification_feature.modified_residue_symmetry 
_pdbx_modification_feature.comp_id_linking_atom 
_pdbx_modification_feature.modified_residue_id_linking_atom 
_pdbx_modification_feature.modified_residue_id 
_pdbx_modification_feature.ref_pcm_id 
_pdbx_modification_feature.ref_comp_id 
_pdbx_modification_feature.type 
_pdbx_modification_feature.category 
1 MLE A 1 ? .   . . . MLE A 1001 ? 1_555 .   . .    . .     . . LEU 1 MLE Methylation 'Named protein modification' 
2 MLE A 3 ? .   . . . MLE A 1003 ? 1_555 .   . .    . .     . . LEU 1 MLE Methylation 'Named protein modification' 
3 MLE A 1 ? DPN A 4 ? MLE A 1001 ? 1_555 DPN A 1004 ? 1_555 N C .   . .   None        'Non-standard linkage'       
# 
_struct_mon_prot_cis.pdbx_id                1 
_struct_mon_prot_cis.label_comp_id          PHE 
_struct_mon_prot_cis.label_seq_id           2 
_struct_mon_prot_cis.label_asym_id          A 
_struct_mon_prot_cis.label_alt_id           . 
_struct_mon_prot_cis.pdbx_PDB_ins_code      ? 
_struct_mon_prot_cis.auth_comp_id           PHE 
_struct_mon_prot_cis.auth_seq_id            1002 
_struct_mon_prot_cis.auth_asym_id           A 
_struct_mon_prot_cis.pdbx_label_comp_id_2   MLE 
_struct_mon_prot_cis.pdbx_label_seq_id_2    3 
_struct_mon_prot_cis.pdbx_label_asym_id_2   A 
_struct_mon_prot_cis.pdbx_PDB_ins_code_2    ? 
_struct_mon_prot_cis.pdbx_auth_comp_id_2    MLE 
_struct_mon_prot_cis.pdbx_auth_seq_id_2     1003 
_struct_mon_prot_cis.pdbx_auth_asym_id_2    A 
_struct_mon_prot_cis.pdbx_PDB_model_num     1 
_struct_mon_prot_cis.pdbx_omega_angle       -11.70 
# 
_pdbx_entry_details.entry_id                   6MW2 
_pdbx_entry_details.compound_details           ? 
_pdbx_entry_details.source_details             ? 
_pdbx_entry_details.nonpolymer_details         ? 
_pdbx_entry_details.sequence_details           ? 
_pdbx_entry_details.has_ligand_of_interest     ? 
_pdbx_entry_details.has_protein_modification   Y 
# 
_pdbx_molecule_features.prd_id    PRD_002368 
_pdbx_molecule_features.name      'cyclo-Mle-Phe-Mle-D-Phe. D-Phe analogue of pseudoxylallemycin A' 
_pdbx_molecule_features.type      'Cyclic peptide' 
_pdbx_molecule_features.class     Antibiotic 
_pdbx_molecule_features.details   ? 
# 
_pdbx_molecule.instance_id   1 
_pdbx_molecule.prd_id        PRD_002368 
_pdbx_molecule.asym_id       A 
# 
loop_
_chem_comp_atom.comp_id 
_chem_comp_atom.atom_id 
_chem_comp_atom.type_symbol 
_chem_comp_atom.pdbx_aromatic_flag 
_chem_comp_atom.pdbx_stereo_config 
_chem_comp_atom.pdbx_ordinal 
DPN N    N N N 1  
DPN CA   C N R 2  
DPN C    C N N 3  
DPN O    O N N 4  
DPN OXT  O N N 5  
DPN CB   C N N 6  
DPN CG   C Y N 7  
DPN CD1  C Y N 8  
DPN CD2  C Y N 9  
DPN CE1  C Y N 10 
DPN CE2  C Y N 11 
DPN CZ   C Y N 12 
DPN H    H N N 13 
DPN H2   H N N 14 
DPN HA   H N N 15 
DPN HXT  H N N 16 
DPN HB2  H N N 17 
DPN HB3  H N N 18 
DPN HD1  H N N 19 
DPN HD2  H N N 20 
DPN HE1  H N N 21 
DPN HE2  H N N 22 
DPN HZ   H N N 23 
MLE N    N N N 24 
MLE CN   C N N 25 
MLE CA   C N S 26 
MLE CB   C N N 27 
MLE CG   C N N 28 
MLE CD1  C N N 29 
MLE CD2  C N N 30 
MLE C    C N N 31 
MLE O    O N N 32 
MLE OXT  O N N 33 
MLE H    H N N 34 
MLE HN1  H N N 35 
MLE HN2  H N N 36 
MLE HN3  H N N 37 
MLE HA   H N N 38 
MLE HB2  H N N 39 
MLE HB3  H N N 40 
MLE HG   H N N 41 
MLE HD11 H N N 42 
MLE HD12 H N N 43 
MLE HD13 H N N 44 
MLE HD21 H N N 45 
MLE HD22 H N N 46 
MLE HD23 H N N 47 
MLE HXT  H N N 48 
PHE N    N N N 49 
PHE CA   C N S 50 
PHE C    C N N 51 
PHE O    O N N 52 
PHE CB   C N N 53 
PHE CG   C Y N 54 
PHE CD1  C Y N 55 
PHE CD2  C Y N 56 
PHE CE1  C Y N 57 
PHE CE2  C Y N 58 
PHE CZ   C Y N 59 
PHE OXT  O N N 60 
PHE H    H N N 61 
PHE H2   H N N 62 
PHE HA   H N N 63 
PHE HB2  H N N 64 
PHE HB3  H N N 65 
PHE HD1  H N N 66 
PHE HD2  H N N 67 
PHE HE1  H N N 68 
PHE HE2  H N N 69 
PHE HZ   H N N 70 
PHE HXT  H N N 71 
# 
loop_
_chem_comp_bond.comp_id 
_chem_comp_bond.atom_id_1 
_chem_comp_bond.atom_id_2 
_chem_comp_bond.value_order 
_chem_comp_bond.pdbx_aromatic_flag 
_chem_comp_bond.pdbx_stereo_config 
_chem_comp_bond.pdbx_ordinal 
DPN N   CA   sing N N 1  
DPN N   H    sing N N 2  
DPN N   H2   sing N N 3  
DPN CA  C    sing N N 4  
DPN CA  CB   sing N N 5  
DPN CA  HA   sing N N 6  
DPN C   O    doub N N 7  
DPN C   OXT  sing N N 8  
DPN OXT HXT  sing N N 9  
DPN CB  CG   sing N N 10 
DPN CB  HB2  sing N N 11 
DPN CB  HB3  sing N N 12 
DPN CG  CD1  doub Y N 13 
DPN CG  CD2  sing Y N 14 
DPN CD1 CE1  sing Y N 15 
DPN CD1 HD1  sing N N 16 
DPN CD2 CE2  doub Y N 17 
DPN CD2 HD2  sing N N 18 
DPN CE1 CZ   doub Y N 19 
DPN CE1 HE1  sing N N 20 
DPN CE2 CZ   sing Y N 21 
DPN CE2 HE2  sing N N 22 
DPN CZ  HZ   sing N N 23 
MLE N   CN   sing N N 24 
MLE N   CA   sing N N 25 
MLE N   H    sing N N 26 
MLE CN  HN1  sing N N 27 
MLE CN  HN2  sing N N 28 
MLE CN  HN3  sing N N 29 
MLE CA  CB   sing N N 30 
MLE CA  C    sing N N 31 
MLE CA  HA   sing N N 32 
MLE CB  CG   sing N N 33 
MLE CB  HB2  sing N N 34 
MLE CB  HB3  sing N N 35 
MLE CG  CD1  sing N N 36 
MLE CG  CD2  sing N N 37 
MLE CG  HG   sing N N 38 
MLE CD1 HD11 sing N N 39 
MLE CD1 HD12 sing N N 40 
MLE CD1 HD13 sing N N 41 
MLE CD2 HD21 sing N N 42 
MLE CD2 HD22 sing N N 43 
MLE CD2 HD23 sing N N 44 
MLE C   O    doub N N 45 
MLE C   OXT  sing N N 46 
MLE OXT HXT  sing N N 47 
PHE N   CA   sing N N 48 
PHE N   H    sing N N 49 
PHE N   H2   sing N N 50 
PHE CA  C    sing N N 51 
PHE CA  CB   sing N N 52 
PHE CA  HA   sing N N 53 
PHE C   O    doub N N 54 
PHE C   OXT  sing N N 55 
PHE CB  CG   sing N N 56 
PHE CB  HB2  sing N N 57 
PHE CB  HB3  sing N N 58 
PHE CG  CD1  doub Y N 59 
PHE CG  CD2  sing Y N 60 
PHE CD1 CE1  sing Y N 61 
PHE CD1 HD1  sing N N 62 
PHE CD2 CE2  doub Y N 63 
PHE CD2 HD2  sing N N 64 
PHE CE1 CZ   doub Y N 65 
PHE CE1 HE1  sing N N 66 
PHE CE2 CZ   sing Y N 67 
PHE CE2 HE2  sing N N 68 
PHE CZ  HZ   sing N N 69 
PHE OXT HXT  sing N N 70 
# 
_atom_sites.entry_id                    6MW2 
_atom_sites.fract_transf_matrix[1][1]   0.00976256 
_atom_sites.fract_transf_matrix[1][2]   -0.03267657 
_atom_sites.fract_transf_matrix[1][3]   0.08491554 
_atom_sites.fract_transf_matrix[2][1]   -0.06108232 
_atom_sites.fract_transf_matrix[2][2]   -0.04050399 
_atom_sites.fract_transf_matrix[2][3]   -0.00856394 
_atom_sites.fract_transf_matrix[3][1]   0.02688436 
_atom_sites.fract_transf_matrix[3][2]   -0.03688830 
_atom_sites.fract_transf_matrix[3][3]   -0.01728592 
_atom_sites.fract_transf_vector[1]      0.363012 
_atom_sites.fract_transf_vector[2]      0.679753 
_atom_sites.fract_transf_vector[3]      0.424516 
# 
loop_
_atom_type.symbol 
C 
N 
O 
# 
loop_
_atom_site.group_PDB 
_atom_site.id 
_atom_site.type_symbol 
_atom_site.label_atom_id 
_atom_site.label_alt_id 
_atom_site.label_comp_id 
_atom_site.label_asym_id 
_atom_site.label_entity_id 
_atom_site.label_seq_id 
_atom_site.pdbx_PDB_ins_code 
_atom_site.Cartn_x 
_atom_site.Cartn_y 
_atom_site.Cartn_z 
_atom_site.occupancy 
_atom_site.B_iso_or_equiv 
_atom_site.pdbx_formal_charge 
_atom_site.auth_seq_id 
_atom_site.auth_comp_id 
_atom_site.auth_asym_id 
_atom_site.auth_atom_id 
_atom_site.pdbx_PDB_model_num 
HETATM 1  N N   . MLE A 1 1 ? -1.812 -1.445 0.659  1.000 1.54 ? 1001 MLE A N   1 
HETATM 2  C CN  . MLE A 1 1 ? -2.808 -1.269 1.728  1.000 1.85 ? 1001 MLE A CN  1 
HETATM 3  C CA  . MLE A 1 1 ? -1.978 -0.697 -0.597 1.000 1.49 ? 1001 MLE A CA  1 
HETATM 4  C CB  . MLE A 1 1 ? -3.424 -0.669 -1.142 1.000 1.74 ? 1001 MLE A CB  1 
HETATM 5  C CG  . MLE A 1 1 ? -3.882 -1.958 -1.848 1.000 1.99 ? 1001 MLE A CG  1 
HETATM 6  C CD1 . MLE A 1 1 ? -5.141 -1.645 -2.659 1.000 2.67 ? 1001 MLE A CD1 1 
HETATM 7  C CD2 . MLE A 1 1 ? -4.158 -3.120 -0.891 1.000 3.22 ? 1001 MLE A CD2 1 
HETATM 8  C C   . MLE A 1 1 ? -1.404 0.735  -0.549 1.000 1.50 ? 1001 MLE A C   1 
HETATM 9  O O   . MLE A 1 1 ? -1.365 1.403  -1.580 1.000 1.81 ? 1001 MLE A O   1 
ATOM   10 N N   . PHE A 1 2 ? -0.908 1.186  0.634  1.000 1.48 ? 1002 PHE A N   1 
ATOM   11 C CA  . PHE A 1 2 ? -0.289 2.510  0.727  1.000 1.50 ? 1002 PHE A CA  1 
ATOM   12 C C   . PHE A 1 2 ? 0.979  2.443  1.591  1.000 1.56 ? 1002 PHE A C   1 
ATOM   13 O O   . PHE A 1 2 ? 1.027  3.056  2.666  1.000 2.10 ? 1002 PHE A O   1 
ATOM   14 C CB  . PHE A 1 2 ? -1.273 3.571  1.269  1.000 1.83 ? 1002 PHE A CB  1 
ATOM   15 C CG  . PHE A 1 2 ? -2.553 3.583  0.475  1.000 1.77 ? 1002 PHE A CG  1 
ATOM   16 C CD1 . PHE A 1 2 ? -2.682 4.393  -0.668 1.000 2.10 ? 1002 PHE A CD1 1 
ATOM   17 C CD2 . PHE A 1 2 ? -3.612 2.745  0.814  1.000 1.84 ? 1002 PHE A CD2 1 
ATOM   18 C CE1 . PHE A 1 2 ? -3.840 4.332  -1.442 1.000 2.53 ? 1002 PHE A CE1 1 
ATOM   19 C CE2 . PHE A 1 2 ? -4.756 2.674  0.037  1.000 2.09 ? 1002 PHE A CE2 1 
ATOM   20 C CZ  . PHE A 1 2 ? -4.875 3.471  -1.098 1.000 2.31 ? 1002 PHE A CZ  1 
HETATM 21 N N   . MLE A 1 3 ? 2.045  1.725  1.136  1.000 1.64 ? 1003 MLE A N   1 
HETATM 22 C CN  . MLE A 1 3 ? 3.165  1.583  2.070  1.000 1.99 ? 1003 MLE A CN  1 
HETATM 23 C CA  . MLE A 1 3 ? 1.962  0.812  -0.015 1.000 1.48 ? 1003 MLE A CA  1 
HETATM 24 C CB  . MLE A 1 3 ? 3.300  0.636  -0.753 1.000 1.65 ? 1003 MLE A CB  1 
HETATM 25 C CG  . MLE A 1 3 ? 3.956  1.957  -1.189 1.000 1.89 ? 1003 MLE A CG  1 
HETATM 26 C CD1 . MLE A 1 3 ? 5.238  1.650  -1.967 1.000 2.73 ? 1003 MLE A CD1 1 
HETATM 27 C CD2 . MLE A 1 3 ? 3.000  2.818  -2.026 1.000 2.46 ? 1003 MLE A CD2 1 
HETATM 28 C C   . MLE A 1 3 ? 1.407  -0.549 0.464  1.000 1.48 ? 1003 MLE A C   1 
HETATM 29 O O   . MLE A 1 3 ? 1.382  -0.861 1.655  1.000 1.88 ? 1003 MLE A O   1 
HETATM 30 N N   . DPN A 1 4 ? 0.921  -1.359 -0.505 1.000 1.37 ? 1004 DPN A N   1 
HETATM 31 C CA  . DPN A 1 4 ? 0.305  -2.625 -0.116 1.000 1.47 ? 1004 DPN A CA  1 
HETATM 32 C C   . DPN A 1 4 ? -0.898 -2.442 0.841  1.000 1.51 ? 1004 DPN A C   1 
HETATM 33 O O   . DPN A 1 4 ? -0.997 -3.211 1.805  1.000 1.86 ? 1004 DPN A O   1 
HETATM 34 C CB  . DPN A 1 4 ? -0.045 -3.493 -1.334 1.000 1.83 ? 1004 DPN A CB  1 
HETATM 35 C CG  . DPN A 1 4 ? 1.141  -3.941 -2.180 1.000 1.79 ? 1004 DPN A CG  1 
HETATM 36 C CD1 . DPN A 1 4 ? 0.868  -4.491 -3.442 1.000 2.10 ? 1004 DPN A CD1 1 
HETATM 37 C CD2 . DPN A 1 4 ? 2.469  -3.875 -1.754 1.000 2.13 ? 1004 DPN A CD2 1 
HETATM 38 C CE1 . DPN A 1 4 ? 1.897  -4.980 -4.240 1.000 2.59 ? 1004 DPN A CE1 1 
HETATM 39 C CE2 . DPN A 1 4 ? 3.500  -4.339 -2.580 1.000 2.50 ? 1004 DPN A CE2 1 
HETATM 40 C CZ  . DPN A 1 4 ? 3.224  -4.895 -3.817 1.000 2.73 ? 1004 DPN A CZ  1 
# 
loop_
_atom_site_anisotrop.id 
_atom_site_anisotrop.type_symbol 
_atom_site_anisotrop.pdbx_label_atom_id 
_atom_site_anisotrop.pdbx_label_alt_id 
_atom_site_anisotrop.pdbx_label_comp_id 
_atom_site_anisotrop.pdbx_label_asym_id 
_atom_site_anisotrop.pdbx_label_seq_id 
_atom_site_anisotrop.pdbx_PDB_ins_code 
_atom_site_anisotrop.U[1][1] 
_atom_site_anisotrop.U[2][2] 
_atom_site_anisotrop.U[3][3] 
_atom_site_anisotrop.U[1][2] 
_atom_site_anisotrop.U[1][3] 
_atom_site_anisotrop.U[2][3] 
_atom_site_anisotrop.pdbx_auth_seq_id 
_atom_site_anisotrop.pdbx_auth_comp_id 
_atom_site_anisotrop.pdbx_auth_asym_id 
_atom_site_anisotrop.pdbx_auth_atom_id 
1  N N   . MLE A 1 ? 0.0199 0.0190 0.0163 0.0002  0.0011  0.0017  1001 MLE A N   
2  C CN  . MLE A 1 ? 0.0225 0.0266 0.0170 0.0000  0.0028  -0.0002 1001 MLE A CN  
3  C CA  . MLE A 1 ? 0.0184 0.0205 0.0145 0.0008  -0.0008 0.0014  1001 MLE A CA  
4  C CB  . MLE A 1 ? 0.0187 0.0224 0.0210 0.0015  -0.0033 0.0009  1001 MLE A CB  
5  C CG  . MLE A 1 ? 0.0223 0.0270 0.0218 -0.0018 -0.0042 -0.0030 1001 MLE A CG  
6  C CD1 . MLE A 1 ? 0.0257 0.0410 0.0289 0.0005  -0.0079 -0.0047 1001 MLE A CD1 
7  C CD2 . MLE A 1 ? 0.0450 0.0295 0.0405 -0.0110 -0.0160 0.0061  1001 MLE A CD2 
8  C C   . MLE A 1 ? 0.0170 0.0195 0.0172 0.0028  0.0003  0.0011  1001 MLE A C   
9  O O   . MLE A 1 ? 0.0279 0.0222 0.0146 -0.0004 -0.0017 0.0020  1001 MLE A O   
10 N N   . PHE A 2 ? 0.0196 0.0196 0.0139 -0.0003 -0.0007 0.0016  1002 PHE A N   
11 C CA  . PHE A 2 ? 0.0200 0.0174 0.0163 0.0015  -0.0003 0.0015  1002 PHE A CA  
12 C C   . PHE A 2 ? 0.0202 0.0169 0.0187 -0.0020 -0.0007 0.0002  1002 PHE A C   
13 O O   . PHE A 2 ? 0.0266 0.0272 0.0211 0.0027  -0.0045 -0.0069 1002 PHE A O   
14 C CB  . PHE A 2 ? 0.0236 0.0189 0.0229 0.0038  -0.0017 -0.0014 1002 PHE A CB  
15 C CG  . PHE A 2 ? 0.0238 0.0192 0.0201 0.0065  0.0014  -0.0012 1002 PHE A CG  
16 C CD1 . PHE A 2 ? 0.0268 0.0206 0.0275 -0.0014 -0.0012 0.0067  1002 PHE A CD1 
17 C CD2 . PHE A 2 ? 0.0226 0.0238 0.0194 0.0050  0.0038  0.0051  1002 PHE A CD2 
18 C CE1 . PHE A 2 ? 0.0324 0.0292 0.0289 0.0017  -0.0042 0.0086  1002 PHE A CE1 
19 C CE2 . PHE A 2 ? 0.0229 0.0255 0.0264 0.0034  0.0037  0.0029  1002 PHE A CE2 
20 C CZ  . PHE A 2 ? 0.0273 0.0298 0.0254 0.0037  -0.0057 0.0041  1002 PHE A CZ  
21 N N   . MLE A 3 ? 0.0178 0.0231 0.0177 -0.0008 -0.0029 -0.0023 1003 MLE A N   
22 C CN  . MLE A 3 ? 0.0216 0.0280 0.0216 0.0016  -0.0054 -0.0034 1003 MLE A CN  
23 C CA  . MLE A 3 ? 0.0187 0.0194 0.0147 -0.0014 -0.0011 -0.0014 1003 MLE A CA  
24 C CB  . MLE A 3 ? 0.0192 0.0196 0.0200 0.0004  0.0005  0.0001  1003 MLE A CB  
25 C CG  . MLE A 3 ? 0.0200 0.0226 0.0248 -0.0035 0.0037  -0.0018 1003 MLE A CG  
26 C CD1 . MLE A 3 ? 0.0265 0.0291 0.0420 -0.0034 0.0131  -0.0010 1003 MLE A CD1 
27 C CD2 . MLE A 3 ? 0.0288 0.0240 0.0351 -0.0005 0.0028  0.0073  1003 MLE A CD2 
28 C C   . MLE A 3 ? 0.0151 0.0219 0.0158 0.0012  -0.0023 0.0003  1003 MLE A C   
29 O O   . MLE A 3 ? 0.0274 0.0253 0.0143 -0.0023 -0.0010 0.0019  1003 MLE A O   
30 N N   . DPN A 4 ? 0.0184 0.0176 0.0131 -0.0012 -0.0013 0.0027  1004 DPN A N   
31 C CA  . DPN A 4 ? 0.0192 0.0164 0.0168 0.0011  0.0001  0.0021  1004 DPN A CA  
32 C C   . DPN A 4 ? 0.0192 0.0204 0.0143 -0.0010 -0.0012 0.0011  1004 DPN A C   
33 O O   . DPN A 4 ? 0.0267 0.0231 0.0168 0.0003  -0.0007 0.0055  1004 DPN A O   
34 C CB  . DPN A 4 ? 0.0209 0.0218 0.0226 -0.0003 0.0007  -0.0022 1004 DPN A CB  
35 C CG  . DPN A 4 ? 0.0282 0.0145 0.0212 -0.0003 0.0018  0.0037  1004 DPN A CG  
36 C CD1 . DPN A 4 ? 0.0316 0.0223 0.0211 -0.0012 -0.0003 -0.0001 1004 DPN A CD1 
37 C CD2 . DPN A 4 ? 0.0270 0.0252 0.0238 0.0027  0.0006  0.0014  1004 DPN A CD2 
38 C CE1 . DPN A 4 ? 0.0450 0.0268 0.0205 0.0034  0.0049  -0.0010 1004 DPN A CE1 
39 C CE2 . DPN A 4 ? 0.0296 0.0289 0.0311 0.0077  0.0038  0.0063  1004 DPN A CE2 
40 C CZ  . DPN A 4 ? 0.0413 0.0293 0.0269 0.0093  0.0144  0.0061  1004 DPN A CZ  
# 
